data_9DDT
#
_entry.id   9DDT
#
_cell.length_a   50.294
_cell.length_b   61.608
_cell.length_c   92.854
_cell.angle_alpha   90.00
_cell.angle_beta   90.00
_cell.angle_gamma   90.00
#
_symmetry.space_group_name_H-M   'P 21 21 21'
#
loop_
_entity.id
_entity.type
_entity.pdbx_description
1 polymer 'Alpha- and gamma-adaptin-binding protein p34'
2 polymer 'AP-1 complex subunit sigma-3'
3 water water
#
loop_
_entity_poly.entity_id
_entity_poly.type
_entity_poly.pdbx_seq_one_letter_code
_entity_poly.pdbx_strand_id
1 'polypeptide(L)'
;MAAGVPCALVTSCSSVFSGDQLVQHILGTEDLIVEVTSNDAVRFYPWTIDNKYYSADINLCVVPNKFLVTAEIAESVQAF
VVYFDSTQKSGLDSVSSWLPLAKAWLPEVMILVCDRVSEDGINRQKAQEWCIKHGFELVELSPEELPEEDDDFPESTGVK
RIVQALNANVWSNVVMK
;
A
2 'polypeptide(L)'
;MIHFILLFSRQGKLRLQKWYITLPDKERKKITREIVQIILSRGHRTSSFVDWKELKLVYKRYASLYFCCAIENQDNELLT
LEIVHRYVELLDKYFGNVCELDIIFNFEKAYFILDEFIIGGEIQETSKKIAVKAIEDSDMLQEVSTVSQTMGER
;
B
#
# COMPACT_ATOMS: atom_id res chain seq x y z
N GLY A 4 0.21 -24.61 5.75
CA GLY A 4 1.22 -24.32 4.77
C GLY A 4 1.89 -22.98 5.00
N VAL A 5 3.22 -22.99 4.87
CA VAL A 5 3.97 -21.74 5.08
C VAL A 5 3.77 -20.86 3.86
N PRO A 6 3.29 -19.63 4.07
CA PRO A 6 3.12 -18.72 2.98
C PRO A 6 4.44 -18.33 2.31
N CYS A 7 4.32 -17.93 1.05
CA CYS A 7 5.52 -17.40 0.38
C CYS A 7 5.31 -15.94 -0.02
N ALA A 8 6.37 -15.15 0.08
CA ALA A 8 6.36 -13.85 -0.58
C ALA A 8 7.20 -14.14 -1.82
N LEU A 9 6.55 -14.16 -2.97
CA LEU A 9 7.26 -14.49 -4.20
C LEU A 9 8.02 -13.25 -4.65
N VAL A 10 9.34 -13.40 -4.84
CA VAL A 10 10.23 -12.31 -5.21
C VAL A 10 10.88 -12.67 -6.55
N THR A 11 10.86 -11.72 -7.48
CA THR A 11 11.53 -11.95 -8.77
C THR A 11 12.08 -10.62 -9.24
N SER A 12 12.94 -10.68 -10.25
CA SER A 12 13.50 -9.49 -10.86
C SER A 12 13.38 -9.59 -12.37
N CYS A 13 12.87 -8.53 -12.98
CA CYS A 13 12.85 -8.35 -14.42
C CYS A 13 14.01 -7.50 -14.90
N SER A 14 15.00 -7.26 -14.04
CA SER A 14 16.21 -6.55 -14.40
C SER A 14 17.38 -7.53 -14.56
N SER A 15 18.25 -7.26 -15.52
CA SER A 15 19.45 -8.08 -15.69
C SER A 15 20.59 -7.67 -14.76
N VAL A 16 20.45 -6.56 -14.04
CA VAL A 16 21.53 -5.97 -13.23
C VAL A 16 21.38 -6.34 -11.75
N PHE A 17 20.16 -6.57 -11.32
CA PHE A 17 19.85 -6.79 -9.91
C PHE A 17 18.89 -7.96 -9.83
N SER A 18 19.22 -8.96 -9.02
CA SER A 18 18.45 -10.20 -8.94
C SER A 18 17.50 -10.23 -7.74
N GLY A 19 16.52 -11.14 -7.82
CA GLY A 19 15.65 -11.39 -6.68
C GLY A 19 16.41 -11.86 -5.45
N ASP A 20 17.46 -12.64 -5.66
CA ASP A 20 18.27 -13.08 -4.51
C ASP A 20 18.90 -11.89 -3.80
N GLN A 21 19.44 -10.92 -4.56
CA GLN A 21 20.00 -9.71 -3.95
C GLN A 21 18.94 -8.95 -3.15
N LEU A 22 17.75 -8.77 -3.74
CA LEU A 22 16.68 -8.07 -3.04
C LEU A 22 16.33 -8.79 -1.75
N VAL A 23 16.28 -10.12 -1.80
CA VAL A 23 15.91 -10.89 -0.60
C VAL A 23 16.98 -10.73 0.48
N GLN A 24 18.25 -10.69 0.10
CA GLN A 24 19.26 -10.46 1.13
C GLN A 24 19.14 -9.08 1.76
N HIS A 25 18.70 -8.08 0.99
CA HIS A 25 18.42 -6.77 1.61
C HIS A 25 17.25 -6.85 2.58
N ILE A 26 16.18 -7.57 2.21
CA ILE A 26 15.04 -7.73 3.11
C ILE A 26 15.46 -8.43 4.38
N LEU A 27 16.23 -9.51 4.25
CA LEU A 27 16.63 -10.28 5.42
C LEU A 27 17.54 -9.47 6.34
N GLY A 28 18.25 -8.49 5.80
CA GLY A 28 19.18 -7.68 6.57
C GLY A 28 18.54 -6.63 7.45
N THR A 29 17.23 -6.50 7.39
CA THR A 29 16.56 -5.46 8.16
C THR A 29 16.39 -5.85 9.61
N GLU A 30 16.31 -4.82 10.47
CA GLU A 30 16.20 -5.00 11.94
C GLU A 30 14.99 -5.85 12.32
N ASP A 40 15.63 -21.87 -14.41
CA ASP A 40 16.84 -21.54 -13.67
C ASP A 40 16.74 -22.45 -12.43
N ALA A 41 16.47 -21.90 -11.23
CA ALA A 41 15.97 -22.72 -10.11
C ALA A 41 15.41 -21.83 -9.00
N VAL A 42 14.29 -22.25 -8.42
CA VAL A 42 13.67 -21.51 -7.33
C VAL A 42 14.49 -21.68 -6.05
N ARG A 43 14.56 -20.63 -5.24
CA ARG A 43 15.23 -20.72 -3.94
C ARG A 43 14.32 -20.18 -2.86
N PHE A 44 14.32 -20.82 -1.70
CA PHE A 44 13.49 -20.39 -0.57
C PHE A 44 14.38 -19.87 0.55
N TYR A 45 13.98 -18.77 1.16
CA TYR A 45 14.73 -18.19 2.27
C TYR A 45 13.76 -18.02 3.42
N PRO A 46 13.96 -18.70 4.55
CA PRO A 46 13.06 -18.54 5.68
C PRO A 46 13.20 -17.16 6.30
N TRP A 47 12.07 -16.61 6.73
CA TRP A 47 12.08 -15.29 7.34
C TRP A 47 10.95 -15.26 8.35
N THR A 48 11.24 -14.85 9.58
CA THR A 48 10.20 -14.70 10.59
C THR A 48 9.82 -13.22 10.71
N ILE A 49 8.60 -12.89 10.32
CA ILE A 49 8.05 -11.57 10.58
C ILE A 49 7.63 -11.52 12.05
N ASP A 50 8.07 -10.49 12.77
CA ASP A 50 7.79 -10.37 14.19
C ASP A 50 7.50 -8.92 14.49
N ASN A 51 6.30 -8.64 15.01
CA ASN A 51 5.91 -7.28 15.38
C ASN A 51 5.02 -7.37 16.63
N LYS A 52 4.46 -6.24 17.04
CA LYS A 52 3.71 -6.22 18.29
C LYS A 52 2.40 -7.00 18.20
N TYR A 53 1.90 -7.27 16.99
CA TYR A 53 0.64 -8.00 16.84
C TYR A 53 0.80 -9.49 16.60
N TYR A 54 1.83 -9.92 15.87
CA TYR A 54 1.91 -11.31 15.49
C TYR A 54 3.35 -11.64 15.15
N SER A 55 3.60 -12.93 15.03
CA SER A 55 4.77 -13.46 14.35
C SER A 55 4.28 -14.43 13.30
N ALA A 56 5.06 -14.54 12.24
CA ALA A 56 4.69 -15.43 11.15
C ALA A 56 5.97 -15.92 10.47
N ASP A 57 6.13 -17.23 10.41
CA ASP A 57 7.23 -17.83 9.66
C ASP A 57 6.82 -17.92 8.20
N ILE A 58 7.46 -17.14 7.33
CA ILE A 58 7.17 -17.25 5.91
C ILE A 58 8.44 -17.62 5.17
N ASN A 59 8.31 -17.86 3.87
CA ASN A 59 9.44 -18.00 2.98
C ASN A 59 9.43 -16.82 2.02
N LEU A 60 10.60 -16.26 1.80
CA LEU A 60 10.87 -15.41 0.64
C LEU A 60 11.26 -16.37 -0.48
N CYS A 61 10.39 -16.49 -1.48
CA CYS A 61 10.58 -17.44 -2.57
C CYS A 61 11.10 -16.71 -3.80
N VAL A 62 12.37 -16.88 -4.12
CA VAL A 62 12.95 -16.24 -5.29
C VAL A 62 12.69 -17.15 -6.48
N VAL A 63 11.95 -16.62 -7.46
CA VAL A 63 11.55 -17.33 -8.66
C VAL A 63 12.13 -16.59 -9.85
N PRO A 64 13.26 -17.04 -10.39
CA PRO A 64 13.94 -16.28 -11.45
C PRO A 64 13.14 -16.15 -12.74
N ASN A 65 12.39 -17.17 -13.14
CA ASN A 65 11.46 -16.97 -14.25
C ASN A 65 10.11 -17.58 -13.87
N LYS A 66 9.07 -16.98 -14.42
CA LYS A 66 7.70 -17.35 -14.11
C LYS A 66 7.36 -18.77 -14.51
N PHE A 67 8.12 -19.37 -15.44
CA PHE A 67 7.74 -20.72 -15.86
C PHE A 67 8.18 -21.78 -14.87
N LEU A 68 8.91 -21.39 -13.82
CA LEU A 68 9.25 -22.29 -12.72
C LEU A 68 8.24 -22.25 -11.59
N VAL A 69 7.19 -21.44 -11.71
CA VAL A 69 6.18 -21.41 -10.66
C VAL A 69 5.31 -22.64 -10.82
N THR A 70 5.39 -23.56 -9.85
CA THR A 70 4.62 -24.78 -9.85
C THR A 70 3.27 -24.54 -9.18
N ALA A 71 2.37 -25.53 -9.29
CA ALA A 71 1.07 -25.40 -8.64
C ALA A 71 1.23 -25.22 -7.14
N GLU A 72 2.21 -25.91 -6.55
CA GLU A 72 2.35 -25.87 -5.10
C GLU A 72 2.97 -24.56 -4.62
N ILE A 73 3.91 -23.99 -5.38
CA ILE A 73 4.36 -22.62 -5.08
C ILE A 73 3.20 -21.64 -5.21
N ALA A 74 2.48 -21.72 -6.34
CA ALA A 74 1.39 -20.78 -6.60
C ALA A 74 0.41 -20.74 -5.45
N GLU A 75 0.00 -21.90 -4.94
CA GLU A 75 -1.04 -21.83 -3.92
C GLU A 75 -0.54 -21.23 -2.61
N SER A 76 0.77 -21.13 -2.41
CA SER A 76 1.30 -20.52 -1.19
C SER A 76 1.54 -19.02 -1.31
N VAL A 77 1.39 -18.43 -2.50
CA VAL A 77 1.79 -17.04 -2.69
C VAL A 77 0.80 -16.12 -2.01
N GLN A 78 1.29 -15.32 -1.05
CA GLN A 78 0.47 -14.32 -0.39
C GLN A 78 1.05 -12.93 -0.53
N ALA A 79 2.20 -12.78 -1.17
CA ALA A 79 2.76 -11.48 -1.48
C ALA A 79 3.57 -11.63 -2.76
N PHE A 80 3.68 -10.54 -3.51
CA PHE A 80 4.43 -10.55 -4.77
C PHE A 80 5.26 -9.29 -4.86
N VAL A 81 6.58 -9.43 -4.99
CA VAL A 81 7.52 -8.32 -5.01
C VAL A 81 8.38 -8.50 -6.26
N VAL A 82 8.24 -7.57 -7.21
CA VAL A 82 8.92 -7.70 -8.50
C VAL A 82 9.78 -6.47 -8.73
N TYR A 83 11.06 -6.71 -8.94
CA TYR A 83 12.03 -5.67 -9.24
C TYR A 83 12.08 -5.47 -10.75
N PHE A 84 12.25 -4.22 -11.18
CA PHE A 84 12.35 -3.95 -12.60
C PHE A 84 13.40 -2.88 -12.88
N ASP A 85 13.80 -2.84 -14.16
CA ASP A 85 14.77 -1.88 -14.68
C ASP A 85 13.98 -0.68 -15.25
N SER A 86 14.16 0.49 -14.68
CA SER A 86 13.42 1.67 -15.12
C SER A 86 14.11 2.44 -16.24
N THR A 87 15.29 2.00 -16.69
CA THR A 87 16.10 2.86 -17.55
C THR A 87 15.54 2.97 -18.97
N GLN A 88 14.76 2.00 -19.43
CA GLN A 88 14.19 2.08 -20.76
C GLN A 88 12.67 2.23 -20.72
N LYS A 89 12.13 2.86 -21.76
CA LYS A 89 10.68 2.98 -21.92
C LYS A 89 9.97 1.63 -21.90
N SER A 90 10.69 0.55 -22.22
CA SER A 90 10.08 -0.77 -22.27
C SER A 90 10.17 -1.52 -20.96
N GLY A 91 10.56 -0.85 -19.87
CA GLY A 91 10.89 -1.54 -18.65
C GLY A 91 9.75 -2.30 -18.00
N LEU A 92 8.50 -1.89 -18.24
CA LEU A 92 7.38 -2.59 -17.64
C LEU A 92 6.84 -3.74 -18.50
N ASP A 93 7.35 -3.93 -19.72
CA ASP A 93 6.87 -5.03 -20.56
C ASP A 93 7.03 -6.37 -19.86
N SER A 94 8.24 -6.62 -19.35
CA SER A 94 8.54 -7.89 -18.69
C SER A 94 7.80 -8.03 -17.38
N VAL A 95 7.51 -6.92 -16.70
CA VAL A 95 6.74 -6.97 -15.46
C VAL A 95 5.30 -7.33 -15.76
N SER A 96 4.71 -6.69 -16.77
CA SER A 96 3.33 -6.97 -17.12
C SER A 96 3.14 -8.43 -17.54
N SER A 97 4.19 -9.07 -18.05
CA SER A 97 4.08 -10.50 -18.37
C SER A 97 3.80 -11.37 -17.16
N TRP A 98 4.06 -10.89 -15.94
CA TRP A 98 3.71 -11.62 -14.72
C TRP A 98 2.27 -11.43 -14.29
N LEU A 99 1.56 -10.49 -14.89
CA LEU A 99 0.23 -10.15 -14.38
C LEU A 99 -0.79 -11.27 -14.49
N PRO A 100 -0.82 -12.12 -15.53
CA PRO A 100 -1.76 -13.26 -15.49
C PRO A 100 -1.60 -14.13 -14.24
N LEU A 101 -0.35 -14.41 -13.86
CA LEU A 101 -0.09 -15.14 -12.62
C LEU A 101 -0.51 -14.35 -11.39
N ALA A 102 -0.15 -13.08 -11.31
CA ALA A 102 -0.55 -12.27 -10.14
C ALA A 102 -2.06 -12.17 -9.98
N LYS A 103 -2.83 -12.00 -11.06
CA LYS A 103 -4.29 -11.97 -10.93
C LYS A 103 -4.87 -13.36 -10.62
N ALA A 104 -4.14 -14.44 -10.93
CA ALA A 104 -4.57 -15.74 -10.46
C ALA A 104 -4.32 -15.88 -8.95
N TRP A 105 -3.13 -15.48 -8.48
CA TRP A 105 -2.79 -15.70 -7.06
C TRP A 105 -3.59 -14.81 -6.13
N LEU A 106 -3.94 -13.61 -6.57
CA LEU A 106 -4.62 -12.61 -5.76
C LEU A 106 -3.89 -12.32 -4.45
N PRO A 107 -2.59 -11.97 -4.50
CA PRO A 107 -1.87 -11.70 -3.27
C PRO A 107 -2.36 -10.40 -2.66
N GLU A 108 -2.38 -10.35 -1.32
CA GLU A 108 -2.77 -9.11 -0.65
C GLU A 108 -1.68 -8.03 -0.69
N VAL A 109 -0.42 -8.42 -0.85
CA VAL A 109 0.68 -7.48 -0.92
C VAL A 109 1.32 -7.60 -2.30
N MET A 110 1.38 -6.49 -3.04
CA MET A 110 1.95 -6.46 -4.38
C MET A 110 2.82 -5.21 -4.45
N ILE A 111 4.12 -5.40 -4.70
CA ILE A 111 5.10 -4.31 -4.63
C ILE A 111 5.94 -4.33 -5.90
N LEU A 112 5.99 -3.19 -6.59
CA LEU A 112 6.86 -2.98 -7.75
C LEU A 112 8.09 -2.23 -7.26
N VAL A 113 9.27 -2.79 -7.48
CA VAL A 113 10.50 -2.26 -6.91
C VAL A 113 11.48 -1.88 -8.02
N CYS A 114 12.14 -0.74 -7.86
CA CYS A 114 13.27 -0.42 -8.73
C CYS A 114 14.33 0.28 -7.89
N ASP A 115 15.50 0.46 -8.48
CA ASP A 115 16.49 1.31 -7.79
C ASP A 115 16.00 2.75 -7.71
N ARG A 116 15.63 3.34 -8.84
CA ARG A 116 14.92 4.61 -8.87
C ARG A 116 14.24 4.72 -10.22
N VAL A 117 13.21 5.58 -10.29
CA VAL A 117 12.57 5.84 -11.59
C VAL A 117 13.52 6.62 -12.49
N SER A 118 13.23 6.61 -13.79
CA SER A 118 14.06 7.29 -14.79
C SER A 118 13.19 8.23 -15.60
N GLU A 119 13.57 9.51 -15.66
CA GLU A 119 12.77 10.39 -16.52
C GLU A 119 12.96 10.06 -17.99
N ASP A 120 14.08 9.42 -18.34
CA ASP A 120 14.35 8.98 -19.71
C ASP A 120 13.77 7.59 -20.01
N GLY A 121 13.10 6.96 -19.04
CA GLY A 121 12.57 5.61 -19.20
C GLY A 121 11.18 5.44 -18.62
N ILE A 122 11.06 4.61 -17.58
CA ILE A 122 9.83 4.51 -16.80
C ILE A 122 9.93 5.59 -15.72
N ASN A 123 9.27 6.71 -15.95
CA ASN A 123 9.28 7.80 -14.98
C ASN A 123 8.25 7.52 -13.89
N ARG A 124 8.17 8.42 -12.90
CA ARG A 124 7.27 8.16 -11.79
C ARG A 124 5.82 8.10 -12.25
N GLN A 125 5.42 8.98 -13.17
CA GLN A 125 4.04 8.99 -13.67
C GLN A 125 3.67 7.64 -14.26
N LYS A 126 4.54 7.09 -15.08
CA LYS A 126 4.20 5.86 -15.79
C LYS A 126 4.21 4.67 -14.84
N ALA A 127 5.17 4.63 -13.91
CA ALA A 127 5.18 3.57 -12.91
C ALA A 127 3.96 3.67 -12.00
N GLN A 128 3.57 4.88 -11.62
CA GLN A 128 2.39 5.04 -10.78
C GLN A 128 1.13 4.61 -11.51
N GLU A 129 0.97 5.02 -12.77
CA GLU A 129 -0.19 4.60 -13.55
C GLU A 129 -0.32 3.09 -13.55
N TRP A 130 0.81 2.41 -13.78
CA TRP A 130 0.78 0.95 -13.81
C TRP A 130 0.42 0.37 -12.44
N CYS A 131 1.04 0.89 -11.36
CA CYS A 131 0.75 0.37 -10.01
C CYS A 131 -0.69 0.58 -9.62
N ILE A 132 -1.25 1.77 -9.88
CA ILE A 132 -2.62 2.02 -9.46
C ILE A 132 -3.56 1.14 -10.27
N LYS A 133 -3.30 0.98 -11.58
CA LYS A 133 -4.11 0.12 -12.40
C LYS A 133 -4.14 -1.31 -11.87
N HIS A 134 -3.00 -1.80 -11.37
CA HIS A 134 -2.89 -3.22 -11.04
C HIS A 134 -2.89 -3.53 -9.54
N GLY A 135 -3.03 -2.53 -8.68
CA GLY A 135 -3.06 -2.80 -7.25
C GLY A 135 -1.70 -2.93 -6.59
N PHE A 136 -0.65 -2.45 -7.24
CA PHE A 136 0.69 -2.45 -6.66
C PHE A 136 1.01 -1.12 -6.00
N GLU A 137 2.08 -1.12 -5.23
CA GLU A 137 2.73 0.08 -4.73
C GLU A 137 4.14 0.16 -5.28
N LEU A 138 4.57 1.37 -5.64
CA LEU A 138 5.91 1.60 -6.18
C LEU A 138 6.90 1.87 -5.07
N VAL A 139 8.04 1.17 -5.08
CA VAL A 139 9.10 1.35 -4.11
C VAL A 139 10.41 1.56 -4.86
N GLU A 140 11.20 2.55 -4.41
CA GLU A 140 12.52 2.80 -4.95
C GLU A 140 13.54 2.45 -3.86
N LEU A 141 14.55 1.66 -4.22
CA LEU A 141 15.57 1.32 -3.21
C LEU A 141 16.47 2.51 -2.91
N SER A 142 16.68 3.39 -3.88
CA SER A 142 17.60 4.51 -3.73
C SER A 142 16.95 5.76 -4.31
N PRO A 143 15.92 6.27 -3.64
CA PRO A 143 15.24 7.47 -4.15
C PRO A 143 16.26 8.59 -4.34
N GLU A 144 16.10 9.34 -5.43
CA GLU A 144 17.06 10.41 -5.68
C GLU A 144 16.96 11.49 -4.62
N GLU A 145 15.74 11.78 -4.18
CA GLU A 145 15.50 12.83 -3.22
C GLU A 145 15.32 12.20 -1.85
N LEU A 146 15.83 12.88 -0.85
CA LEU A 146 15.43 12.68 0.51
C LEU A 146 14.07 13.33 0.72
N PRO A 147 13.28 12.86 1.69
CA PRO A 147 11.94 13.42 1.87
C PRO A 147 11.99 14.85 2.37
N GLU A 148 10.90 15.57 2.13
CA GLU A 148 10.81 16.99 2.44
C GLU A 148 10.92 17.18 3.96
N GLU A 149 11.63 18.19 4.42
CA GLU A 149 11.85 18.40 5.87
C GLU A 149 10.55 18.75 6.61
N ASP A 150 9.53 19.18 5.88
CA ASP A 150 8.22 19.54 6.51
C ASP A 150 7.19 18.46 6.20
N ASP A 151 7.61 17.33 5.66
CA ASP A 151 6.72 16.14 5.52
C ASP A 151 6.74 15.50 6.90
N ASP A 152 5.85 15.93 7.79
CA ASP A 152 5.88 15.48 9.19
C ASP A 152 5.48 14.03 9.38
N PHE A 153 4.75 13.44 8.44
CA PHE A 153 4.39 12.02 8.49
C PHE A 153 4.86 11.38 7.19
N PRO A 154 6.16 11.23 7.02
CA PRO A 154 6.68 10.79 5.73
C PRO A 154 6.46 9.30 5.48
N GLU A 155 6.44 8.97 4.20
CA GLU A 155 6.36 7.55 3.85
C GLU A 155 7.75 6.95 3.91
N SER A 156 7.87 5.76 4.44
CA SER A 156 9.10 5.01 4.33
C SER A 156 9.37 4.70 2.86
N THR A 157 10.64 4.45 2.55
CA THR A 157 11.07 4.14 1.19
C THR A 157 11.96 2.90 1.22
N GLY A 158 12.23 2.40 0.03
CA GLY A 158 13.24 1.35 -0.07
C GLY A 158 12.86 0.07 0.66
N VAL A 159 13.90 -0.64 1.08
CA VAL A 159 13.67 -1.94 1.67
C VAL A 159 12.92 -1.78 2.99
N LYS A 160 13.12 -0.66 3.71
CA LYS A 160 12.31 -0.47 4.91
C LYS A 160 10.83 -0.44 4.59
N ARG A 161 10.47 0.21 3.49
CA ARG A 161 9.07 0.24 3.08
C ARG A 161 8.58 -1.15 2.67
N ILE A 162 9.44 -1.92 1.98
CA ILE A 162 9.05 -3.29 1.62
C ILE A 162 8.75 -4.10 2.87
N VAL A 163 9.61 -4.00 3.88
CA VAL A 163 9.41 -4.75 5.12
C VAL A 163 8.15 -4.28 5.84
N GLN A 164 7.91 -2.97 5.86
CA GLN A 164 6.67 -2.46 6.45
C GLN A 164 5.45 -3.06 5.74
N ALA A 165 5.48 -3.08 4.41
CA ALA A 165 4.34 -3.57 3.65
C ALA A 165 4.12 -5.06 3.89
N LEU A 166 5.20 -5.83 4.00
CA LEU A 166 5.07 -7.27 4.28
C LEU A 166 4.55 -7.52 5.70
N ASN A 167 4.87 -6.62 6.64
CA ASN A 167 4.31 -6.70 8.00
C ASN A 167 2.82 -6.40 7.99
N ALA A 168 2.38 -5.47 7.14
CA ALA A 168 0.98 -5.03 7.08
C ALA A 168 0.16 -6.01 6.24
N ASN A 169 0.04 -7.23 6.73
CA ASN A 169 -0.58 -8.31 6.00
C ASN A 169 -0.99 -9.40 6.99
N VAL A 170 -2.14 -10.00 6.75
CA VAL A 170 -2.63 -11.06 7.62
C VAL A 170 -2.24 -12.37 6.97
N TRP A 171 -1.02 -12.81 7.24
CA TRP A 171 -0.51 -14.08 6.73
C TRP A 171 -1.37 -15.23 7.23
N SER A 172 -1.50 -16.27 6.39
CA SER A 172 -2.39 -17.37 6.75
C SER A 172 -1.90 -18.12 8.00
N ASN A 173 -0.62 -18.01 8.35
CA ASN A 173 -0.11 -18.70 9.52
C ASN A 173 0.32 -17.75 10.64
N VAL A 174 -0.30 -16.57 10.73
CA VAL A 174 0.01 -15.66 11.83
C VAL A 174 -0.20 -16.36 13.15
N VAL A 175 0.71 -16.10 14.08
CA VAL A 175 0.58 -16.50 15.47
C VAL A 175 0.37 -15.19 16.23
N MET A 176 -0.85 -14.96 16.69
CA MET A 176 -1.13 -13.68 17.31
C MET A 176 -0.53 -13.59 18.70
N LYS A 177 -0.11 -12.39 19.05
CA LYS A 177 0.39 -12.13 20.40
C LYS A 177 -0.72 -11.67 21.34
N MET B 1 -22.58 18.34 5.57
CA MET B 1 -21.98 17.57 6.64
C MET B 1 -21.09 16.49 6.03
N ILE B 2 -20.40 15.74 6.88
CA ILE B 2 -19.56 14.63 6.41
C ILE B 2 -20.44 13.47 5.99
N HIS B 3 -20.21 12.95 4.79
CA HIS B 3 -20.94 11.78 4.31
C HIS B 3 -20.24 10.48 4.67
N PHE B 4 -18.91 10.44 4.58
CA PHE B 4 -18.17 9.24 4.94
C PHE B 4 -16.71 9.59 5.07
N ILE B 5 -15.98 8.69 5.73
CA ILE B 5 -14.56 8.83 5.99
C ILE B 5 -13.89 7.51 5.62
N LEU B 6 -12.81 7.59 4.85
CA LEU B 6 -12.08 6.41 4.40
C LEU B 6 -10.61 6.52 4.78
N LEU B 7 -10.04 5.38 5.18
CA LEU B 7 -8.60 5.22 5.37
C LEU B 7 -8.18 4.09 4.45
N PHE B 8 -7.24 4.39 3.53
CA PHE B 8 -6.79 3.37 2.57
C PHE B 8 -5.30 3.49 2.29
N SER B 9 -4.72 2.41 1.76
CA SER B 9 -3.29 2.34 1.52
C SER B 9 -2.92 2.68 0.07
N ARG B 10 -1.60 2.78 -0.16
CA ARG B 10 -1.08 3.03 -1.51
C ARG B 10 -1.40 1.89 -2.47
N GLN B 11 -1.61 0.68 -1.95
CA GLN B 11 -2.01 -0.45 -2.78
C GLN B 11 -3.51 -0.49 -3.00
N GLY B 12 -4.25 0.50 -2.53
CA GLY B 12 -5.67 0.55 -2.75
C GLY B 12 -6.50 -0.23 -1.77
N LYS B 13 -5.94 -0.59 -0.61
CA LYS B 13 -6.65 -1.42 0.34
C LYS B 13 -7.41 -0.52 1.30
N LEU B 14 -8.73 -0.69 1.37
CA LEU B 14 -9.55 0.07 2.30
C LEU B 14 -9.44 -0.57 3.66
N ARG B 15 -8.84 0.15 4.62
CA ARG B 15 -8.60 -0.37 5.95
C ARG B 15 -9.62 0.11 6.97
N LEU B 16 -10.23 1.27 6.74
CA LEU B 16 -11.28 1.72 7.64
C LEU B 16 -12.28 2.56 6.86
N GLN B 17 -13.57 2.39 7.14
CA GLN B 17 -14.59 3.26 6.59
C GLN B 17 -15.64 3.56 7.65
N LYS B 18 -16.11 4.80 7.66
CA LYS B 18 -17.20 5.20 8.54
C LYS B 18 -18.19 5.96 7.67
N TRP B 19 -19.44 5.49 7.64
CA TRP B 19 -20.47 6.09 6.81
C TRP B 19 -21.51 6.81 7.66
N TYR B 20 -21.94 7.97 7.19
CA TYR B 20 -23.03 8.73 7.81
C TYR B 20 -24.24 8.79 6.90
N ILE B 21 -24.21 8.04 5.81
CA ILE B 21 -25.31 7.83 4.88
C ILE B 21 -25.55 6.33 4.83
N THR B 22 -26.81 5.91 4.87
CA THR B 22 -27.13 4.49 4.76
C THR B 22 -27.14 4.07 3.30
N LEU B 23 -26.25 3.17 2.92
CA LEU B 23 -26.22 2.61 1.58
C LEU B 23 -25.92 1.13 1.67
N PRO B 24 -26.46 0.33 0.76
CA PRO B 24 -26.10 -1.10 0.72
C PRO B 24 -24.61 -1.27 0.53
N ASP B 25 -24.09 -2.40 0.98
CA ASP B 25 -22.65 -2.62 0.94
C ASP B 25 -22.10 -2.55 -0.50
N LYS B 26 -22.83 -3.09 -1.49
CA LYS B 26 -22.27 -3.07 -2.85
C LYS B 26 -22.18 -1.64 -3.40
N GLU B 27 -23.14 -0.78 -3.00
CA GLU B 27 -23.07 0.61 -3.39
C GLU B 27 -21.89 1.31 -2.75
N ARG B 28 -21.67 1.03 -1.45
CA ARG B 28 -20.53 1.63 -0.78
C ARG B 28 -19.24 1.19 -1.43
N LYS B 29 -19.16 -0.08 -1.83
CA LYS B 29 -17.94 -0.57 -2.46
C LYS B 29 -17.71 0.08 -3.82
N LYS B 30 -18.77 0.26 -4.62
CA LYS B 30 -18.58 0.96 -5.88
C LYS B 30 -17.99 2.35 -5.65
N ILE B 31 -18.56 3.07 -4.65
CA ILE B 31 -18.09 4.41 -4.34
C ILE B 31 -16.62 4.37 -3.91
N THR B 32 -16.28 3.50 -2.94
CA THR B 32 -14.93 3.55 -2.37
C THR B 32 -13.88 3.10 -3.38
N ARG B 33 -14.20 2.12 -4.23
CA ARG B 33 -13.25 1.70 -5.25
C ARG B 33 -12.93 2.87 -6.18
N GLU B 34 -13.99 3.55 -6.66
CA GLU B 34 -13.78 4.71 -7.53
C GLU B 34 -12.95 5.80 -6.84
N ILE B 35 -13.31 6.13 -5.60
CA ILE B 35 -12.63 7.22 -4.90
C ILE B 35 -11.17 6.89 -4.66
N VAL B 36 -10.89 5.65 -4.25
CA VAL B 36 -9.51 5.26 -4.02
C VAL B 36 -8.70 5.43 -5.29
N GLN B 37 -9.26 4.99 -6.43
CA GLN B 37 -8.52 5.17 -7.69
C GLN B 37 -8.26 6.64 -7.96
N ILE B 38 -9.28 7.49 -7.78
CA ILE B 38 -9.11 8.91 -8.08
C ILE B 38 -8.00 9.52 -7.22
N ILE B 39 -8.05 9.27 -5.92
CA ILE B 39 -7.11 9.92 -5.02
C ILE B 39 -5.69 9.40 -5.24
N LEU B 40 -5.53 8.09 -5.39
CA LEU B 40 -4.19 7.53 -5.58
C LEU B 40 -3.53 8.09 -6.85
N SER B 41 -4.32 8.44 -7.85
CA SER B 41 -3.80 8.90 -9.13
C SER B 41 -3.40 10.37 -9.12
N ARG B 42 -3.69 11.11 -8.05
CA ARG B 42 -3.32 12.51 -8.00
C ARG B 42 -1.85 12.62 -7.61
N GLY B 43 -1.02 13.04 -8.56
CA GLY B 43 0.41 13.10 -8.31
C GLY B 43 0.89 14.44 -7.80
N HIS B 44 0.06 15.48 -7.95
CA HIS B 44 0.42 16.83 -7.54
C HIS B 44 -0.64 17.35 -6.57
N ARG B 45 -0.17 17.90 -5.46
CA ARG B 45 -1.02 18.42 -4.38
C ARG B 45 -1.40 19.85 -4.76
N THR B 46 -2.45 19.97 -5.58
CA THR B 46 -2.89 21.26 -6.07
C THR B 46 -4.16 21.75 -5.40
N SER B 47 -4.66 20.98 -4.43
CA SER B 47 -5.91 21.28 -3.73
C SER B 47 -5.96 20.39 -2.51
N SER B 48 -6.75 20.79 -1.52
CA SER B 48 -7.00 19.87 -0.43
C SER B 48 -8.07 18.85 -0.75
N PHE B 49 -8.76 19.00 -1.89
CA PHE B 49 -9.90 18.16 -2.18
C PHE B 49 -10.01 17.91 -3.67
N VAL B 50 -10.77 16.88 -3.98
CA VAL B 50 -11.16 16.57 -5.36
C VAL B 50 -12.67 16.70 -5.43
N ASP B 51 -13.16 17.39 -6.44
CA ASP B 51 -14.60 17.43 -6.65
C ASP B 51 -15.05 16.10 -7.25
N TRP B 52 -16.07 15.49 -6.67
CA TRP B 52 -16.52 14.18 -7.11
C TRP B 52 -18.02 14.12 -6.92
N LYS B 53 -18.76 13.95 -8.02
CA LYS B 53 -20.22 14.01 -7.99
C LYS B 53 -20.58 15.31 -7.26
N GLU B 54 -21.44 15.30 -6.25
CA GLU B 54 -21.78 16.55 -5.59
C GLU B 54 -20.94 16.82 -4.37
N LEU B 55 -19.88 16.05 -4.17
CA LEU B 55 -19.10 16.11 -2.94
C LEU B 55 -17.72 16.70 -3.17
N LYS B 56 -17.12 17.14 -2.08
CA LYS B 56 -15.71 17.49 -2.02
C LYS B 56 -15.02 16.40 -1.20
N LEU B 57 -14.07 15.73 -1.82
CA LEU B 57 -13.29 14.68 -1.17
C LEU B 57 -12.04 15.33 -0.61
N VAL B 58 -12.06 15.62 0.69
CA VAL B 58 -10.94 16.26 1.37
C VAL B 58 -10.00 15.17 1.80
N TYR B 59 -8.72 15.25 1.42
CA TYR B 59 -7.88 14.11 1.71
C TYR B 59 -6.48 14.58 2.03
N LYS B 60 -5.76 13.71 2.74
CA LYS B 60 -4.35 13.94 3.01
C LYS B 60 -3.67 12.61 3.30
N ARG B 61 -2.44 12.48 2.81
CA ARG B 61 -1.62 11.31 3.09
C ARG B 61 -0.84 11.50 4.37
N TYR B 62 -0.93 10.53 5.27
CA TYR B 62 -0.12 10.48 6.47
C TYR B 62 0.62 9.14 6.44
N ALA B 63 1.95 9.21 6.37
CA ALA B 63 2.81 8.03 6.16
C ALA B 63 2.28 7.31 4.92
N SER B 64 2.00 6.00 4.98
CA SER B 64 1.53 5.29 3.81
C SER B 64 0.01 5.12 3.79
N LEU B 65 -0.72 5.94 4.54
CA LEU B 65 -2.18 5.86 4.61
C LEU B 65 -2.77 7.15 4.06
N TYR B 66 -3.84 7.04 3.29
CA TYR B 66 -4.63 8.18 2.87
C TYR B 66 -5.85 8.28 3.77
N PHE B 67 -6.14 9.50 4.22
CA PHE B 67 -7.31 9.82 5.04
C PHE B 67 -8.20 10.72 4.19
N CYS B 68 -9.45 10.28 3.95
CA CYS B 68 -10.35 11.03 3.08
C CYS B 68 -11.68 11.25 3.78
N CYS B 69 -12.16 12.48 3.77
CA CYS B 69 -13.45 12.82 4.37
C CYS B 69 -14.28 13.48 3.28
N ALA B 70 -15.42 12.88 2.93
CA ALA B 70 -16.28 13.40 1.86
C ALA B 70 -17.30 14.34 2.49
N ILE B 71 -17.36 15.58 2.00
CA ILE B 71 -18.24 16.61 2.54
C ILE B 71 -19.02 17.20 1.37
N GLU B 72 -20.02 18.03 1.68
CA GLU B 72 -20.77 18.72 0.62
C GLU B 72 -19.93 19.80 -0.03
N ASN B 73 -20.28 20.15 -1.27
CA ASN B 73 -19.50 21.14 -2.00
C ASN B 73 -19.42 22.45 -1.26
N GLN B 74 -20.52 22.87 -0.62
CA GLN B 74 -20.51 24.12 0.14
C GLN B 74 -19.84 24.02 1.49
N ASP B 75 -19.40 22.83 1.92
CA ASP B 75 -18.88 22.68 3.27
C ASP B 75 -17.46 23.22 3.39
N ASN B 76 -17.06 23.47 4.64
CA ASN B 76 -15.78 24.06 5.02
C ASN B 76 -14.67 23.03 4.93
N GLU B 77 -13.94 22.99 3.81
CA GLU B 77 -12.87 22.02 3.64
C GLU B 77 -11.68 22.30 4.54
N LEU B 78 -11.50 23.56 4.96
CA LEU B 78 -10.39 23.89 5.85
C LEU B 78 -10.61 23.27 7.21
N LEU B 79 -11.81 23.45 7.77
CA LEU B 79 -12.14 22.80 9.03
C LEU B 79 -12.09 21.28 8.90
N THR B 80 -12.51 20.73 7.76
CA THR B 80 -12.43 19.29 7.56
C THR B 80 -11.00 18.79 7.58
N LEU B 81 -10.08 19.52 6.93
CA LEU B 81 -8.67 19.11 6.97
C LEU B 81 -8.16 19.12 8.41
N GLU B 82 -8.56 20.14 9.18
CA GLU B 82 -8.18 20.19 10.59
C GLU B 82 -8.74 19.00 11.37
N ILE B 83 -9.98 18.63 11.10
CA ILE B 83 -10.60 17.48 11.77
C ILE B 83 -9.83 16.21 11.46
N VAL B 84 -9.45 16.01 10.19
CA VAL B 84 -8.67 14.84 9.81
C VAL B 84 -7.36 14.84 10.56
N HIS B 85 -6.68 15.98 10.60
CA HIS B 85 -5.40 16.05 11.30
C HIS B 85 -5.58 15.74 12.79
N ARG B 86 -6.67 16.20 13.40
CA ARG B 86 -6.87 15.96 14.82
C ARG B 86 -7.17 14.47 15.09
N TYR B 87 -7.88 13.81 14.16
CA TYR B 87 -8.05 12.37 14.29
C TYR B 87 -6.70 11.65 14.20
N VAL B 88 -5.86 12.08 13.24
CA VAL B 88 -4.55 11.43 13.10
C VAL B 88 -3.75 11.63 14.37
N GLU B 89 -3.83 12.81 14.98
CA GLU B 89 -3.11 13.03 16.24
C GLU B 89 -3.63 12.12 17.34
N LEU B 90 -4.95 11.88 17.38
CA LEU B 90 -5.47 10.96 18.39
C LEU B 90 -4.94 9.54 18.17
N LEU B 91 -4.90 9.11 16.90
CA LEU B 91 -4.31 7.80 16.59
C LEU B 91 -2.86 7.74 16.99
N ASP B 92 -2.10 8.80 16.68
CA ASP B 92 -0.67 8.83 16.99
C ASP B 92 -0.45 8.78 18.49
N LYS B 93 -1.33 9.44 19.27
CA LYS B 93 -1.24 9.39 20.72
C LYS B 93 -1.46 7.97 21.24
N TYR B 94 -2.49 7.28 20.73
CA TYR B 94 -2.75 5.94 21.26
C TYR B 94 -1.71 4.92 20.76
N PHE B 95 -1.48 4.87 19.46
CA PHE B 95 -0.64 3.82 18.90
C PHE B 95 0.84 4.15 18.91
N GLY B 96 1.22 5.38 19.23
CA GLY B 96 2.61 5.79 19.21
C GLY B 96 3.17 6.09 17.84
N ASN B 97 2.38 5.89 16.78
CA ASN B 97 2.79 6.14 15.40
C ASN B 97 1.51 6.10 14.58
N VAL B 98 1.63 6.40 13.29
CA VAL B 98 0.52 6.29 12.34
C VAL B 98 0.87 5.16 11.38
N CYS B 99 0.31 3.97 11.59
CA CYS B 99 0.70 2.79 10.81
C CYS B 99 -0.53 2.01 10.34
N GLU B 100 -0.50 1.59 9.07
CA GLU B 100 -1.51 0.66 8.56
C GLU B 100 -1.61 -0.59 9.44
N LEU B 101 -0.48 -1.04 9.99
CA LEU B 101 -0.50 -2.23 10.82
C LEU B 101 -1.48 -2.09 11.97
N ASP B 102 -1.54 -0.90 12.59
CA ASP B 102 -2.45 -0.66 13.70
C ASP B 102 -3.90 -0.70 13.23
N ILE B 103 -4.19 -0.15 12.05
CA ILE B 103 -5.56 -0.16 11.58
C ILE B 103 -6.00 -1.57 11.22
N ILE B 104 -5.07 -2.42 10.77
CA ILE B 104 -5.43 -3.80 10.43
C ILE B 104 -5.76 -4.60 11.69
N PHE B 105 -4.87 -4.52 12.71
CA PHE B 105 -4.97 -5.42 13.84
C PHE B 105 -5.61 -4.80 15.09
N ASN B 106 -5.91 -3.51 15.09
CA ASN B 106 -6.69 -2.82 16.12
C ASN B 106 -7.74 -1.95 15.51
N PHE B 107 -8.44 -2.53 14.52
CA PHE B 107 -9.50 -1.84 13.80
C PHE B 107 -10.51 -1.20 14.76
N GLU B 108 -10.98 -1.96 15.76
CA GLU B 108 -12.05 -1.47 16.62
C GLU B 108 -11.63 -0.25 17.43
N LYS B 109 -10.36 -0.21 17.84
CA LYS B 109 -9.91 0.97 18.58
C LYS B 109 -9.80 2.19 17.65
N ALA B 110 -9.29 2.00 16.43
CA ALA B 110 -9.22 3.13 15.50
C ALA B 110 -10.62 3.63 15.16
N TYR B 111 -11.55 2.71 14.99
CA TYR B 111 -12.93 3.08 14.74
C TYR B 111 -13.55 3.78 15.93
N PHE B 112 -13.28 3.28 17.15
CA PHE B 112 -13.82 3.88 18.37
C PHE B 112 -13.34 5.31 18.52
N ILE B 113 -12.03 5.52 18.34
CA ILE B 113 -11.48 6.85 18.44
C ILE B 113 -12.16 7.79 17.45
N LEU B 114 -12.30 7.35 16.20
CA LEU B 114 -12.96 8.18 15.20
C LEU B 114 -14.40 8.48 15.58
N ASP B 115 -15.16 7.43 15.90
CA ASP B 115 -16.58 7.56 16.13
C ASP B 115 -16.87 8.48 17.32
N GLU B 116 -16.06 8.39 18.36
CA GLU B 116 -16.28 9.23 19.53
C GLU B 116 -15.78 10.66 19.31
N PHE B 117 -14.92 10.90 18.33
CA PHE B 117 -14.44 12.27 18.03
C PHE B 117 -15.40 12.99 17.08
N ILE B 118 -15.97 12.23 16.15
CA ILE B 118 -16.87 12.83 15.13
C ILE B 118 -18.32 12.55 15.50
N ILE B 119 -19.11 13.59 15.65
CA ILE B 119 -20.52 13.38 16.09
C ILE B 119 -21.49 13.53 14.90
N GLY B 120 -21.93 12.43 14.30
CA GLY B 120 -22.97 12.48 13.25
C GLY B 120 -22.54 13.04 11.91
N GLY B 121 -21.24 13.23 11.69
CA GLY B 121 -20.83 13.87 10.42
C GLY B 121 -20.74 15.37 10.61
#